data_6U6M
#
_entry.id   6U6M
#
_cell.length_a   66.110
_cell.length_b   75.080
_cell.length_c   93.110
_cell.angle_alpha   90.000
_cell.angle_beta   90.000
_cell.angle_gamma   90.000
#
_symmetry.space_group_name_H-M   'P 21 21 21'
#
loop_
_entity.id
_entity.type
_entity.pdbx_description
1 polymer 'DH840.1 Fab heavy chain'
2 polymer 'DH840.1 Fab light chain'
3 water water
#
loop_
_entity_poly.entity_id
_entity_poly.type
_entity_poly.pdbx_seq_one_letter_code
_entity_poly.pdbx_strand_id
1 'polypeptide(L)'
;QVQLKESGPGLVRPSETLSLTCAVSGTSINSAYAWGWVRLPPGKGLEWIMTVYTSTGNTYSDPSLKSRVTISKDTSKNQF
SLRLSSVTVEDTAVYFCARADGSDSGWPHFDNWGQGLLVTVSSASTKGPSVFPLAPSSRSTSESTAALGCLVKDYFPEPV
TVSWNSGSLTSGVHTFPAVLQSSGLYSLSSVVTVPSSSLGTQTYVCNVNHKPSNTKVDKRVEIKTC
;
H
2 'polypeptide(L)'
;EIMVTQSPVTLSVSPGERATLSCRASQSVRNRIAWYQQKPGQSPRLLIYDASIRAPGIPDRLSGSGSGTEFTLTINSLEP
SDVAVYFCQLEANWLTFGGGTKVEIKRAVAAPSVFIFPPSEDQVKSGTVSVVCLLNNFYPREASVKWKVDGVLKTGNSQE
SVTEQDSKDNTYSLSSTLTLSNTDYQSHNVYACEVTHQGLSSPVTKSFNRGEC
;
L
#
# COMPACT_ATOMS: atom_id res chain seq x y z
N GLN A 1 20.02 7.62 -12.97
CA GLN A 1 21.00 8.69 -12.88
C GLN A 1 20.34 9.99 -12.42
N VAL A 2 19.07 9.91 -12.02
CA VAL A 2 18.32 11.03 -11.49
C VAL A 2 17.49 10.53 -10.32
N GLN A 3 17.58 11.23 -9.19
CA GLN A 3 16.84 10.86 -7.98
C GLN A 3 15.99 12.04 -7.53
N LEU A 4 14.73 11.75 -7.21
CA LEU A 4 13.78 12.75 -6.74
C LEU A 4 13.33 12.40 -5.34
N LYS A 5 13.13 13.43 -4.51
CA LYS A 5 12.79 13.24 -3.10
C LYS A 5 11.76 14.28 -2.70
N GLU A 6 10.56 13.83 -2.37
CA GLU A 6 9.50 14.74 -1.95
C GLU A 6 9.71 15.17 -0.50
N SER A 7 9.29 16.40 -0.21
CA SER A 7 9.41 16.97 1.13
C SER A 7 8.19 17.82 1.43
N GLY A 8 7.81 17.85 2.70
CA GLY A 8 6.67 18.62 3.13
C GLY A 8 6.01 18.03 4.36
N PRO A 9 4.94 18.67 4.84
CA PRO A 9 4.27 18.16 6.04
C PRO A 9 3.50 16.88 5.75
N GLY A 10 3.53 15.96 6.72
CA GLY A 10 2.76 14.74 6.63
C GLY A 10 1.35 14.85 7.13
N LEU A 11 1.02 15.93 7.84
CA LEU A 11 -0.32 16.18 8.35
C LEU A 11 -0.67 17.64 8.15
N VAL A 12 -1.82 17.90 7.54
CA VAL A 12 -2.26 19.25 7.21
C VAL A 12 -3.70 19.42 7.67
N ARG A 13 -3.97 20.54 8.35
CA ARG A 13 -5.33 20.84 8.78
C ARG A 13 -6.19 21.19 7.57
N PRO A 14 -7.48 20.85 7.61
CA PRO A 14 -8.36 21.18 6.48
C PRO A 14 -8.45 22.69 6.24
N SER A 15 -8.78 23.04 5.00
CA SER A 15 -8.91 24.40 4.48
C SER A 15 -7.58 25.13 4.39
N GLU A 16 -6.47 24.51 4.77
CA GLU A 16 -5.17 25.15 4.71
C GLU A 16 -4.53 24.90 3.35
N THR A 17 -3.27 25.31 3.20
CA THR A 17 -2.54 25.19 1.94
C THR A 17 -1.45 24.13 2.09
N LEU A 18 -1.56 23.07 1.30
CA LEU A 18 -0.53 22.03 1.29
C LEU A 18 0.61 22.44 0.36
N SER A 19 1.83 22.41 0.88
CA SER A 19 3.02 22.80 0.12
C SER A 19 4.03 21.66 0.16
N LEU A 20 4.29 21.07 -1.01
CA LEU A 20 5.21 19.96 -1.15
C LEU A 20 6.34 20.36 -2.08
N THR A 21 7.58 20.04 -1.68
CA THR A 21 8.77 20.39 -2.44
C THR A 21 9.42 19.13 -3.00
N CYS A 22 9.82 19.19 -4.26
CA CYS A 22 10.46 18.06 -4.95
C CYS A 22 11.92 18.42 -5.21
N ALA A 23 12.82 17.87 -4.41
CA ALA A 23 14.25 18.09 -4.59
C ALA A 23 14.78 17.13 -5.65
N VAL A 24 15.46 17.68 -6.66
CA VAL A 24 16.01 16.90 -7.76
C VAL A 24 17.52 16.80 -7.59
N SER A 25 18.05 15.61 -7.80
CA SER A 25 19.48 15.36 -7.68
C SER A 25 19.95 14.54 -8.88
N GLY A 26 21.14 14.85 -9.36
CA GLY A 26 21.71 14.13 -10.49
C GLY A 26 21.90 15.00 -11.71
N THR A 27 20.90 15.81 -12.05
CA THR A 27 20.94 16.69 -13.20
C THR A 27 20.35 18.05 -12.81
N SER A 28 20.50 19.01 -13.72
CA SER A 28 19.81 20.29 -13.56
C SER A 28 18.33 20.11 -13.85
N ILE A 29 17.49 20.81 -13.09
CA ILE A 29 16.04 20.68 -13.28
C ILE A 29 15.64 21.19 -14.66
N ASN A 30 16.31 22.23 -15.14
CA ASN A 30 16.01 22.78 -16.45
C ASN A 30 16.61 21.96 -17.59
N SER A 31 17.46 20.99 -17.28
CA SER A 31 17.92 20.05 -18.30
C SER A 31 16.86 19.03 -18.68
N ALA A 32 15.74 19.00 -17.95
CA ALA A 32 14.68 18.05 -18.19
C ALA A 32 13.61 18.65 -19.10
N TYR A 33 12.84 17.77 -19.75
CA TYR A 33 11.78 18.21 -20.64
C TYR A 33 10.64 18.85 -19.86
N ALA A 34 10.14 18.16 -18.83
CA ALA A 34 9.07 18.69 -18.01
C ALA A 34 9.06 17.95 -16.67
N TRP A 35 8.32 18.50 -15.72
CA TRP A 35 8.16 17.93 -14.39
C TRP A 35 6.68 17.89 -14.03
N GLY A 36 6.30 16.90 -13.22
CA GLY A 36 4.90 16.72 -12.90
C GLY A 36 4.69 16.19 -11.50
N TRP A 37 3.47 16.37 -11.01
CA TRP A 37 3.03 15.86 -9.72
C TRP A 37 1.87 14.90 -9.92
N VAL A 38 1.94 13.73 -9.29
CA VAL A 38 0.91 12.71 -9.36
C VAL A 38 0.68 12.16 -7.96
N ARG A 39 -0.58 12.01 -7.57
CA ARG A 39 -0.91 11.51 -6.24
C ARG A 39 -1.64 10.17 -6.35
N LEU A 40 -1.71 9.48 -5.22
CA LEU A 40 -2.28 8.13 -5.13
C LEU A 40 -3.24 8.10 -3.95
N PRO A 41 -4.52 8.40 -4.19
CA PRO A 41 -5.50 8.41 -3.09
C PRO A 41 -5.75 7.00 -2.59
N PRO A 42 -6.22 6.86 -1.34
CA PRO A 42 -6.56 5.53 -0.82
C PRO A 42 -7.69 4.91 -1.62
N GLY A 43 -7.51 3.64 -2.00
CA GLY A 43 -8.47 2.97 -2.83
C GLY A 43 -8.57 3.52 -4.24
N LYS A 44 -7.52 4.17 -4.73
CA LYS A 44 -7.51 4.79 -6.05
C LYS A 44 -6.13 4.61 -6.65
N GLY A 45 -6.09 4.62 -7.99
CA GLY A 45 -4.84 4.55 -8.71
C GLY A 45 -4.16 5.90 -8.83
N LEU A 46 -3.28 6.00 -9.82
CA LEU A 46 -2.53 7.23 -10.04
C LEU A 46 -3.42 8.30 -10.65
N GLU A 47 -3.39 9.50 -10.07
CA GLU A 47 -4.17 10.64 -10.56
C GLU A 47 -3.21 11.80 -10.79
N TRP A 48 -3.07 12.20 -12.05
CA TRP A 48 -2.17 13.28 -12.40
C TRP A 48 -2.68 14.62 -11.86
N ILE A 49 -1.76 15.45 -11.37
CA ILE A 49 -2.12 16.74 -10.79
C ILE A 49 -1.68 17.87 -11.73
N MET A 50 -0.38 18.15 -11.77
CA MET A 50 0.15 19.25 -12.54
C MET A 50 1.33 18.79 -13.38
N THR A 51 1.72 19.65 -14.32
CA THR A 51 2.90 19.45 -15.15
C THR A 51 3.42 20.82 -15.57
N VAL A 52 4.71 21.07 -15.31
CA VAL A 52 5.36 22.31 -15.70
C VAL A 52 6.41 21.98 -16.76
N TYR A 53 6.44 22.77 -17.82
CA TYR A 53 7.40 22.59 -18.90
C TYR A 53 8.58 23.54 -18.72
N THR A 54 9.78 23.03 -18.96
CA THR A 54 10.99 23.78 -18.62
C THR A 54 11.20 24.97 -19.55
N SER A 55 11.19 24.74 -20.86
CA SER A 55 11.59 25.78 -21.81
C SER A 55 10.67 26.99 -21.79
N THR A 56 9.45 26.85 -21.29
CA THR A 56 8.48 27.92 -21.31
C THR A 56 7.93 28.30 -19.94
N GLY A 57 7.94 27.38 -18.98
CA GLY A 57 7.29 27.60 -17.71
C GLY A 57 5.80 27.40 -17.70
N ASN A 58 5.23 26.94 -18.81
CA ASN A 58 3.79 26.73 -18.89
C ASN A 58 3.36 25.58 -17.98
N THR A 59 2.17 25.72 -17.42
CA THR A 59 1.63 24.75 -16.48
C THR A 59 0.33 24.18 -16.99
N TYR A 60 0.17 22.87 -16.83
CA TYR A 60 -1.09 22.17 -17.12
C TYR A 60 -1.51 21.43 -15.86
N SER A 61 -2.77 21.61 -15.46
CA SER A 61 -3.28 21.03 -14.24
C SER A 61 -4.62 20.35 -14.50
N ASP A 62 -5.00 19.47 -13.59
CA ASP A 62 -6.28 18.78 -13.70
C ASP A 62 -7.42 19.79 -13.55
N PRO A 63 -8.39 19.81 -14.47
CA PRO A 63 -9.43 20.85 -14.40
C PRO A 63 -10.26 20.81 -13.14
N SER A 64 -10.45 19.64 -12.53
CA SER A 64 -11.24 19.54 -11.32
C SER A 64 -10.60 20.22 -10.11
N LEU A 65 -9.39 20.76 -10.26
CA LEU A 65 -8.71 21.42 -9.16
C LEU A 65 -7.75 22.47 -9.73
N LYS A 66 -8.23 23.28 -10.68
CA LYS A 66 -7.38 24.23 -11.37
C LYS A 66 -7.04 25.43 -10.51
N SER A 67 -8.05 26.13 -10.00
CA SER A 67 -7.83 27.35 -9.23
C SER A 67 -7.22 27.09 -7.87
N ARG A 68 -7.07 25.83 -7.46
CA ARG A 68 -6.58 25.50 -6.13
C ARG A 68 -5.12 25.07 -6.12
N VAL A 69 -4.47 24.99 -7.27
CA VAL A 69 -3.13 24.43 -7.38
C VAL A 69 -2.23 25.36 -8.17
N THR A 70 -0.98 25.49 -7.72
CA THR A 70 0.06 26.24 -8.41
C THR A 70 1.37 25.49 -8.27
N ILE A 71 2.39 25.94 -9.00
CA ILE A 71 3.71 25.33 -8.93
C ILE A 71 4.77 26.41 -9.08
N SER A 72 5.77 26.36 -8.22
CA SER A 72 6.91 27.27 -8.24
C SER A 72 8.18 26.48 -8.50
N LYS A 73 9.18 27.16 -9.06
CA LYS A 73 10.44 26.51 -9.42
C LYS A 73 11.60 27.38 -8.93
N ASP A 74 12.54 26.75 -8.23
CA ASP A 74 13.73 27.42 -7.72
C ASP A 74 14.95 26.71 -8.30
N THR A 75 15.55 27.31 -9.33
CA THR A 75 16.72 26.71 -9.97
C THR A 75 17.93 26.72 -9.04
N SER A 76 18.03 27.72 -8.17
CA SER A 76 19.14 27.78 -7.23
C SER A 76 19.13 26.58 -6.29
N LYS A 77 17.95 26.25 -5.73
CA LYS A 77 17.80 25.05 -4.93
C LYS A 77 17.62 23.80 -5.76
N ASN A 78 17.51 23.93 -7.09
CA ASN A 78 17.29 22.81 -8.00
C ASN A 78 16.07 21.99 -7.57
N GLN A 79 14.96 22.70 -7.35
CA GLN A 79 13.75 22.07 -6.86
C GLN A 79 12.54 22.80 -7.43
N PHE A 80 11.38 22.14 -7.34
CA PHE A 80 10.11 22.73 -7.70
C PHE A 80 9.05 22.27 -6.72
N SER A 81 8.15 23.18 -6.35
CA SER A 81 7.19 22.93 -5.28
C SER A 81 5.77 22.96 -5.81
N LEU A 82 4.93 22.12 -5.22
CA LEU A 82 3.50 22.08 -5.51
C LEU A 82 2.75 22.70 -4.34
N ARG A 83 1.79 23.58 -4.65
CA ARG A 83 0.98 24.24 -3.64
C ARG A 83 -0.49 23.99 -3.93
N LEU A 84 -1.16 23.28 -3.03
CA LEU A 84 -2.58 23.02 -3.11
C LEU A 84 -3.29 23.80 -2.01
N SER A 85 -4.26 24.61 -2.39
CA SER A 85 -4.97 25.48 -1.45
C SER A 85 -6.38 24.95 -1.20
N SER A 86 -6.98 25.45 -0.11
CA SER A 86 -8.32 25.05 0.31
C SER A 86 -8.43 23.53 0.41
N VAL A 87 -7.42 22.93 1.04
CA VAL A 87 -7.28 21.49 1.06
C VAL A 87 -8.39 20.88 1.91
N THR A 88 -9.09 19.90 1.35
CA THR A 88 -10.12 19.14 2.04
C THR A 88 -9.58 17.76 2.39
N VAL A 89 -10.42 16.96 3.07
CA VAL A 89 -10.03 15.61 3.43
C VAL A 89 -9.94 14.72 2.19
N GLU A 90 -10.58 15.10 1.09
CA GLU A 90 -10.44 14.35 -0.16
C GLU A 90 -9.02 14.37 -0.70
N ASP A 91 -8.18 15.29 -0.23
CA ASP A 91 -6.82 15.44 -0.75
C ASP A 91 -5.79 14.56 -0.05
N THR A 92 -6.22 13.73 0.90
CA THR A 92 -5.31 12.80 1.56
C THR A 92 -4.86 11.75 0.56
N ALA A 93 -3.55 11.71 0.27
CA ALA A 93 -3.02 10.79 -0.72
C ALA A 93 -1.51 10.72 -0.57
N VAL A 94 -0.90 9.81 -1.32
CA VAL A 94 0.55 9.71 -1.43
C VAL A 94 0.96 10.49 -2.67
N TYR A 95 1.68 11.60 -2.47
CA TYR A 95 2.03 12.52 -3.55
C TYR A 95 3.41 12.19 -4.07
N PHE A 96 3.50 11.95 -5.38
CA PHE A 96 4.76 11.72 -6.07
C PHE A 96 5.10 12.91 -6.94
N CYS A 97 6.39 13.11 -7.19
CA CYS A 97 6.87 14.00 -8.23
C CYS A 97 7.73 13.22 -9.19
N ALA A 98 7.61 13.51 -10.48
CA ALA A 98 8.26 12.72 -11.52
C ALA A 98 8.73 13.61 -12.65
N ARG A 99 9.73 13.13 -13.37
CA ARG A 99 10.24 13.81 -14.55
C ARG A 99 9.51 13.33 -15.80
N ALA A 100 9.16 14.27 -16.67
CA ALA A 100 8.47 13.96 -17.91
C ALA A 100 9.45 13.90 -19.06
N ASP A 101 9.14 13.06 -20.05
CA ASP A 101 9.95 12.92 -21.25
C ASP A 101 9.01 12.85 -22.44
N GLY A 102 9.23 13.72 -23.42
CA GLY A 102 8.36 13.81 -24.58
C GLY A 102 8.65 12.86 -25.71
N SER A 103 9.79 12.18 -25.69
CA SER A 103 10.20 11.24 -26.75
C SER A 103 10.28 12.02 -28.07
N ASP A 104 10.12 11.34 -29.21
CA ASP A 104 10.07 12.04 -30.48
C ASP A 104 8.72 12.69 -30.73
N SER A 105 7.66 12.17 -30.12
CA SER A 105 6.31 12.67 -30.37
C SER A 105 6.02 13.98 -29.64
N GLY A 106 6.76 14.28 -28.58
CA GLY A 106 6.47 15.45 -27.78
C GLY A 106 5.38 15.28 -26.75
N TRP A 107 4.73 14.11 -26.70
CA TRP A 107 3.69 13.84 -25.71
C TRP A 107 4.34 13.32 -24.43
N PRO A 108 3.92 13.82 -23.26
CA PRO A 108 4.67 13.53 -22.04
C PRO A 108 4.42 12.13 -21.49
N HIS A 109 5.47 11.58 -20.91
CA HIS A 109 5.39 10.36 -20.10
C HIS A 109 6.45 10.45 -19.02
N PHE A 110 6.17 9.81 -17.89
CA PHE A 110 7.07 9.87 -16.74
C PHE A 110 8.07 8.73 -16.78
N ASP A 111 9.35 9.05 -16.58
CA ASP A 111 10.41 8.08 -16.62
C ASP A 111 11.18 7.93 -15.32
N ASN A 112 10.98 8.85 -14.37
CA ASN A 112 11.73 8.83 -13.11
C ASN A 112 10.83 9.40 -12.02
N TRP A 113 10.46 8.58 -11.04
CA TRP A 113 9.55 8.98 -9.99
C TRP A 113 10.28 9.13 -8.67
N GLY A 114 9.72 9.95 -7.79
CA GLY A 114 10.24 10.12 -6.45
C GLY A 114 9.74 9.04 -5.50
N GLN A 115 10.27 9.10 -4.28
CA GLN A 115 9.88 8.12 -3.26
C GLN A 115 8.39 8.18 -2.96
N GLY A 116 7.82 9.39 -2.94
CA GLY A 116 6.44 9.55 -2.57
C GLY A 116 6.29 9.93 -1.12
N LEU A 117 5.41 10.89 -0.82
CA LEU A 117 5.22 11.39 0.54
C LEU A 117 3.73 11.35 0.87
N LEU A 118 3.38 10.66 1.94
CA LEU A 118 2.00 10.56 2.38
C LEU A 118 1.60 11.83 3.13
N VAL A 119 0.49 12.44 2.70
CA VAL A 119 -0.04 13.64 3.33
C VAL A 119 -1.47 13.33 3.76
N THR A 120 -1.73 13.45 5.06
CA THR A 120 -3.06 13.24 5.63
C THR A 120 -3.67 14.58 5.99
N VAL A 121 -4.92 14.78 5.60
CA VAL A 121 -5.65 16.03 5.85
C VAL A 121 -6.67 15.75 6.94
N SER A 122 -6.40 16.24 8.15
CA SER A 122 -7.30 16.00 9.27
C SER A 122 -7.06 17.07 10.33
N SER A 123 -8.14 17.43 11.02
CA SER A 123 -8.05 18.32 12.17
C SER A 123 -7.66 17.59 13.45
N ALA A 124 -7.38 16.29 13.37
CA ALA A 124 -6.96 15.52 14.53
C ALA A 124 -5.52 15.81 14.88
N SER A 125 -5.17 15.57 16.13
CA SER A 125 -3.82 15.81 16.62
C SER A 125 -2.94 14.59 16.42
N THR A 126 -1.64 14.83 16.45
CA THR A 126 -0.67 13.74 16.38
C THR A 126 -0.71 12.92 17.67
N LYS A 127 -0.79 11.60 17.54
CA LYS A 127 -0.89 10.72 18.69
C LYS A 127 0.03 9.53 18.50
N GLY A 128 0.78 9.18 19.56
CA GLY A 128 1.65 8.04 19.55
C GLY A 128 0.90 6.75 19.80
N PRO A 129 1.47 5.63 19.33
CA PRO A 129 0.79 4.34 19.45
C PRO A 129 1.08 3.63 20.77
N SER A 130 0.19 2.72 21.10
CA SER A 130 0.39 1.77 22.19
C SER A 130 0.77 0.42 21.58
N VAL A 131 1.84 -0.17 22.08
CA VAL A 131 2.39 -1.40 21.52
C VAL A 131 2.21 -2.51 22.55
N PHE A 132 1.37 -3.49 22.21
CA PHE A 132 1.13 -4.66 23.05
C PHE A 132 1.65 -5.92 22.38
N PRO A 133 2.23 -6.84 23.13
CA PRO A 133 2.72 -8.09 22.54
C PRO A 133 1.58 -9.03 22.20
N LEU A 134 1.79 -9.84 21.16
CA LEU A 134 0.85 -10.85 20.72
C LEU A 134 1.51 -12.21 20.84
N ALA A 135 0.99 -13.03 21.75
CA ALA A 135 1.49 -14.39 21.97
C ALA A 135 0.33 -15.35 21.99
N PRO A 136 0.53 -16.59 21.53
CA PRO A 136 -0.53 -17.60 21.58
C PRO A 136 -0.95 -17.88 23.02
N SER A 137 -2.00 -18.70 23.15
CA SER A 137 -2.57 -18.95 24.47
C SER A 137 -1.57 -19.65 25.37
N SER A 138 -1.67 -19.36 26.66
CA SER A 138 -0.75 -19.91 27.67
C SER A 138 -0.93 -21.42 27.83
N GLU A 143 1.58 -26.81 16.26
CA GLU A 143 2.44 -26.73 17.44
C GLU A 143 3.88 -27.05 17.05
N SER A 144 4.11 -27.21 15.75
CA SER A 144 5.45 -27.21 15.19
C SER A 144 5.90 -25.82 14.76
N THR A 145 5.05 -24.82 14.97
CA THR A 145 5.34 -23.45 14.58
C THR A 145 4.52 -22.52 15.48
N ALA A 146 5.18 -21.54 16.07
CA ALA A 146 4.52 -20.55 16.91
C ALA A 146 4.37 -19.23 16.16
N ALA A 147 3.36 -18.46 16.54
CA ALA A 147 3.08 -17.16 15.93
C ALA A 147 3.24 -16.08 17.00
N LEU A 148 4.23 -15.22 16.82
CA LEU A 148 4.46 -14.08 17.70
C LEU A 148 4.18 -12.79 16.95
N GLY A 149 3.71 -11.79 17.68
CA GLY A 149 3.36 -10.54 17.02
C GLY A 149 3.31 -9.37 18.00
N CYS A 150 3.07 -8.19 17.42
CA CYS A 150 2.92 -6.96 18.18
C CYS A 150 1.73 -6.19 17.63
N LEU A 151 0.91 -5.67 18.53
CA LEU A 151 -0.25 -4.87 18.16
C LEU A 151 0.06 -3.40 18.40
N VAL A 152 0.06 -2.62 17.33
CA VAL A 152 0.37 -1.20 17.37
C VAL A 152 -0.95 -0.45 17.29
N LYS A 153 -1.48 -0.06 18.46
CA LYS A 153 -2.85 0.41 18.57
C LYS A 153 -2.92 1.92 18.74
N ASP A 154 -3.93 2.53 18.11
CA ASP A 154 -4.32 3.92 18.34
C ASP A 154 -3.18 4.90 18.13
N TYR A 155 -2.82 5.15 16.87
CA TYR A 155 -1.86 6.18 16.52
C TYR A 155 -2.40 6.99 15.36
N PHE A 156 -1.85 8.21 15.21
CA PHE A 156 -2.23 9.09 14.12
C PHE A 156 -1.15 10.13 13.94
N PRO A 157 -0.72 10.42 12.70
CA PRO A 157 -1.21 9.75 11.49
C PRO A 157 -0.28 8.64 10.99
N GLU A 158 -0.58 8.12 9.81
CA GLU A 158 0.30 7.14 9.17
C GLU A 158 1.59 7.82 8.73
N PRO A 159 2.67 7.05 8.54
CA PRO A 159 2.81 5.61 8.75
C PRO A 159 3.57 5.24 10.02
N VAL A 160 3.81 3.95 10.20
CA VAL A 160 4.66 3.45 11.28
C VAL A 160 5.57 2.36 10.72
N THR A 161 6.74 2.20 11.32
CA THR A 161 7.71 1.20 10.93
C THR A 161 7.77 0.14 12.01
N VAL A 162 7.74 -1.14 11.59
CA VAL A 162 7.86 -2.26 12.51
C VAL A 162 8.90 -3.23 11.95
N SER A 163 9.94 -3.49 12.73
CA SER A 163 10.95 -4.48 12.39
C SER A 163 11.08 -5.45 13.56
N TRP A 164 11.76 -6.57 13.31
CA TRP A 164 11.93 -7.61 14.31
C TRP A 164 13.41 -7.86 14.55
N ASN A 165 13.82 -7.78 15.81
CA ASN A 165 15.22 -7.97 16.21
C ASN A 165 16.16 -7.01 15.45
N SER A 166 15.71 -5.77 15.31
CA SER A 166 16.47 -4.73 14.61
C SER A 166 16.80 -5.15 13.19
N GLY A 167 15.79 -5.64 12.47
CA GLY A 167 15.94 -6.08 11.11
C GLY A 167 16.66 -7.40 10.93
N SER A 168 17.10 -8.05 12.02
CA SER A 168 17.83 -9.31 11.88
C SER A 168 16.90 -10.45 11.52
N LEU A 169 15.62 -10.36 11.85
CA LEU A 169 14.64 -11.39 11.55
C LEU A 169 13.70 -10.88 10.46
N THR A 170 13.72 -11.55 9.30
CA THR A 170 12.89 -11.18 8.16
C THR A 170 12.03 -12.32 7.66
N SER A 171 12.52 -13.55 7.70
CA SER A 171 11.74 -14.69 7.23
C SER A 171 10.54 -14.94 8.13
N GLY A 172 9.40 -15.26 7.52
CA GLY A 172 8.19 -15.52 8.26
C GLY A 172 7.51 -14.31 8.84
N VAL A 173 8.01 -13.11 8.56
CA VAL A 173 7.43 -11.87 9.10
C VAL A 173 6.33 -11.39 8.17
N HIS A 174 5.24 -10.92 8.75
CA HIS A 174 4.12 -10.36 7.98
C HIS A 174 3.62 -9.12 8.72
N THR A 175 3.97 -7.94 8.21
CA THR A 175 3.47 -6.68 8.74
C THR A 175 2.25 -6.28 7.92
N PHE A 176 1.08 -6.33 8.54
CA PHE A 176 -0.16 -6.06 7.84
C PHE A 176 -0.35 -4.56 7.61
N PRO A 177 -1.00 -4.17 6.52
CA PRO A 177 -1.33 -2.77 6.33
C PRO A 177 -2.27 -2.29 7.42
N ALA A 178 -2.17 -1.00 7.74
CA ALA A 178 -2.93 -0.44 8.85
C ALA A 178 -4.41 -0.38 8.50
N VAL A 179 -5.25 -0.41 9.54
CA VAL A 179 -6.69 -0.30 9.41
C VAL A 179 -7.15 0.96 10.11
N LEU A 180 -7.91 1.80 9.40
CA LEU A 180 -8.41 3.05 9.96
C LEU A 180 -9.64 2.77 10.82
N GLN A 181 -9.46 2.79 12.13
CA GLN A 181 -10.56 2.54 13.05
C GLN A 181 -11.54 3.72 13.04
N SER A 182 -12.76 3.43 13.47
CA SER A 182 -13.82 4.45 13.49
C SER A 182 -13.54 5.58 14.46
N SER A 183 -12.52 5.45 15.31
CA SER A 183 -12.11 6.53 16.20
C SER A 183 -11.23 7.56 15.50
N GLY A 184 -10.92 7.37 14.22
CA GLY A 184 -9.98 8.21 13.52
C GLY A 184 -8.53 7.83 13.70
N LEU A 185 -8.24 6.80 14.48
CA LEU A 185 -6.89 6.35 14.75
C LEU A 185 -6.63 5.03 14.02
N TYR A 186 -5.36 4.77 13.75
CA TYR A 186 -4.95 3.56 13.07
C TYR A 186 -4.46 2.50 14.05
N SER A 187 -4.46 1.26 13.58
CA SER A 187 -3.91 0.15 14.34
C SER A 187 -3.56 -0.96 13.36
N LEU A 188 -2.35 -1.51 13.49
CA LEU A 188 -1.91 -2.61 12.64
C LEU A 188 -1.26 -3.69 13.50
N SER A 189 -1.10 -4.86 12.89
CA SER A 189 -0.42 -5.99 13.50
C SER A 189 0.81 -6.35 12.68
N SER A 190 1.78 -6.96 13.34
CA SER A 190 2.99 -7.45 12.69
C SER A 190 3.36 -8.77 13.33
N VAL A 191 3.16 -9.87 12.61
CA VAL A 191 3.33 -11.21 13.15
C VAL A 191 4.56 -11.86 12.54
N VAL A 192 5.00 -12.95 13.15
CA VAL A 192 6.13 -13.74 12.67
C VAL A 192 5.96 -15.18 13.14
N THR A 193 6.19 -16.11 12.24
CA THR A 193 6.12 -17.54 12.55
C THR A 193 7.52 -18.08 12.81
N VAL A 194 7.67 -18.78 13.93
CA VAL A 194 8.97 -19.30 14.35
C VAL A 194 8.80 -20.73 14.83
N PRO A 195 9.87 -21.52 14.78
CA PRO A 195 9.81 -22.89 15.32
C PRO A 195 9.47 -22.88 16.80
N SER A 196 8.58 -23.79 17.21
CA SER A 196 8.18 -23.87 18.61
C SER A 196 9.34 -24.29 19.50
N SER A 197 10.26 -25.10 18.98
CA SER A 197 11.40 -25.56 19.78
C SER A 197 12.40 -24.45 20.07
N SER A 198 12.28 -23.30 19.41
CA SER A 198 13.21 -22.20 19.58
C SER A 198 12.69 -21.12 20.53
N LEU A 199 11.44 -21.23 20.98
CA LEU A 199 10.85 -20.18 21.80
C LEU A 199 11.64 -19.94 23.09
N GLY A 200 12.24 -20.99 23.65
CA GLY A 200 13.01 -20.84 24.86
C GLY A 200 14.42 -20.34 24.65
N THR A 201 14.99 -20.56 23.47
CA THR A 201 16.37 -20.21 23.18
C THR A 201 16.49 -19.03 22.21
N GLN A 202 15.41 -18.27 22.02
CA GLN A 202 15.43 -17.17 21.06
C GLN A 202 14.55 -16.05 21.57
N THR A 203 15.09 -14.84 21.62
CA THR A 203 14.33 -13.66 21.99
C THR A 203 13.76 -12.99 20.74
N TYR A 204 12.53 -12.52 20.85
CA TYR A 204 11.84 -11.88 19.72
C TYR A 204 11.29 -10.54 20.20
N VAL A 205 11.85 -9.45 19.66
CA VAL A 205 11.39 -8.10 19.98
C VAL A 205 10.96 -7.42 18.69
N CYS A 206 9.95 -6.56 18.81
CA CYS A 206 9.45 -5.77 17.69
C CYS A 206 9.84 -4.32 17.88
N ASN A 207 10.35 -3.70 16.82
CA ASN A 207 10.85 -2.34 16.86
C ASN A 207 9.84 -1.44 16.15
N VAL A 208 8.98 -0.78 16.93
CA VAL A 208 7.94 0.10 16.39
C VAL A 208 8.48 1.52 16.37
N ASN A 209 8.28 2.22 15.25
CA ASN A 209 8.76 3.60 15.10
C ASN A 209 7.66 4.42 14.45
N HIS A 210 7.19 5.44 15.17
CA HIS A 210 6.16 6.37 14.68
C HIS A 210 6.81 7.75 14.62
N LYS A 211 7.36 8.09 13.46
CA LYS A 211 8.04 9.39 13.32
C LYS A 211 7.13 10.59 13.54
N PRO A 212 5.86 10.60 13.08
CA PRO A 212 5.02 11.79 13.36
C PRO A 212 4.92 12.13 14.83
N SER A 213 4.90 11.14 15.72
CA SER A 213 4.83 11.40 17.16
C SER A 213 6.18 11.29 17.84
N ASN A 214 7.25 11.03 17.09
CA ASN A 214 8.61 10.88 17.64
C ASN A 214 8.64 9.78 18.70
N THR A 215 7.91 8.69 18.45
CA THR A 215 7.81 7.58 19.38
C THR A 215 8.62 6.39 18.85
N LYS A 216 9.39 5.77 19.74
CA LYS A 216 10.15 4.57 19.42
C LYS A 216 10.09 3.64 20.61
N VAL A 217 9.64 2.40 20.38
CA VAL A 217 9.43 1.44 21.46
C VAL A 217 9.80 0.05 20.94
N ASP A 218 10.57 -0.68 21.74
CA ASP A 218 10.90 -2.08 21.49
C ASP A 218 10.20 -2.93 22.54
N LYS A 219 9.44 -3.93 22.08
CA LYS A 219 8.59 -4.73 22.96
C LYS A 219 9.04 -6.17 22.93
N ARG A 220 9.37 -6.72 24.10
CA ARG A 220 9.70 -8.13 24.23
C ARG A 220 8.41 -8.95 24.28
N VAL A 221 8.31 -9.94 23.40
CA VAL A 221 7.09 -10.71 23.22
C VAL A 221 7.29 -12.10 23.82
N GLU A 222 6.48 -12.42 24.83
CA GLU A 222 6.43 -13.77 25.39
C GLU A 222 5.02 -14.08 25.92
N GLU B 1 -11.93 15.57 -24.42
CA GLU B 1 -12.25 14.63 -23.34
C GLU B 1 -11.94 13.19 -23.78
N ILE B 2 -10.99 12.57 -23.08
CA ILE B 2 -10.56 11.21 -23.39
C ILE B 2 -10.38 10.44 -22.08
N MET B 3 -10.95 9.24 -22.03
CA MET B 3 -10.80 8.35 -20.89
C MET B 3 -10.04 7.09 -21.30
N VAL B 4 -9.28 6.55 -20.36
CA VAL B 4 -8.60 5.27 -20.54
C VAL B 4 -9.10 4.32 -19.46
N THR B 5 -9.65 3.18 -19.90
CA THR B 5 -10.20 2.17 -18.99
C THR B 5 -9.36 0.90 -19.09
N GLN B 6 -8.95 0.39 -17.94
CA GLN B 6 -8.17 -0.84 -17.88
C GLN B 6 -9.08 -2.02 -17.55
N SER B 7 -8.65 -3.21 -17.98
CA SER B 7 -9.41 -4.43 -17.75
C SER B 7 -8.49 -5.61 -17.90
N PRO B 8 -8.59 -6.64 -17.04
CA PRO B 8 -9.54 -6.68 -15.92
C PRO B 8 -9.01 -5.96 -14.69
N VAL B 9 -9.79 -5.93 -13.60
CA VAL B 9 -9.33 -5.33 -12.36
C VAL B 9 -8.23 -6.18 -11.74
N THR B 10 -8.45 -7.49 -11.67
CA THR B 10 -7.46 -8.42 -11.17
C THR B 10 -7.21 -9.51 -12.21
N LEU B 11 -5.96 -9.97 -12.28
CA LEU B 11 -5.54 -10.94 -13.28
C LEU B 11 -4.75 -12.04 -12.58
N SER B 12 -5.21 -13.28 -12.70
CA SER B 12 -4.58 -14.44 -12.06
C SER B 12 -3.97 -15.31 -13.14
N VAL B 13 -2.64 -15.44 -13.13
CA VAL B 13 -1.90 -16.15 -14.16
C VAL B 13 -0.98 -17.17 -13.51
N SER B 14 -0.95 -18.38 -14.07
CA SER B 14 -0.08 -19.42 -13.57
C SER B 14 1.37 -19.07 -13.81
N PRO B 15 2.30 -19.59 -13.00
CA PRO B 15 3.72 -19.28 -13.19
C PRO B 15 4.21 -19.77 -14.56
N GLY B 16 4.83 -18.86 -15.31
CA GLY B 16 5.35 -19.19 -16.62
C GLY B 16 4.39 -18.96 -17.77
N GLU B 17 3.11 -18.71 -17.48
CA GLU B 17 2.14 -18.47 -18.54
C GLU B 17 2.18 -17.00 -18.97
N ARG B 18 1.20 -16.59 -19.76
CA ARG B 18 1.16 -15.26 -20.34
C ARG B 18 0.05 -14.44 -19.70
N ALA B 19 0.36 -13.20 -19.34
CA ALA B 19 -0.61 -12.25 -18.83
C ALA B 19 -0.86 -11.18 -19.89
N THR B 20 -2.14 -10.91 -20.16
CA THR B 20 -2.54 -9.94 -21.18
C THR B 20 -3.43 -8.89 -20.52
N LEU B 21 -2.93 -7.66 -20.44
CA LEU B 21 -3.65 -6.56 -19.84
C LEU B 21 -4.18 -5.64 -20.93
N SER B 22 -5.38 -5.10 -20.73
CA SER B 22 -6.05 -4.29 -21.73
C SER B 22 -6.18 -2.84 -21.26
N CYS B 23 -6.02 -1.91 -22.20
CA CYS B 23 -6.16 -0.47 -21.92
C CYS B 23 -6.91 0.13 -23.09
N ARG B 24 -8.15 0.57 -22.86
CA ARG B 24 -9.02 1.09 -23.91
C ARG B 24 -9.15 2.60 -23.76
N ALA B 25 -8.80 3.33 -24.82
CA ALA B 25 -8.99 4.77 -24.87
C ALA B 25 -10.33 5.08 -25.54
N SER B 26 -11.04 6.07 -24.99
CA SER B 26 -12.36 6.41 -25.51
C SER B 26 -12.30 6.97 -26.93
N GLN B 27 -11.16 7.52 -27.34
CA GLN B 27 -10.99 8.05 -28.69
C GLN B 27 -9.65 7.60 -29.23
N SER B 28 -9.52 7.64 -30.55
CA SER B 28 -8.28 7.21 -31.20
C SER B 28 -7.14 8.14 -30.82
N VAL B 29 -6.04 7.56 -30.31
CA VAL B 29 -4.92 8.34 -29.80
C VAL B 29 -3.61 7.81 -30.37
N ARG B 30 -3.70 7.05 -31.48
CA ARG B 30 -2.54 6.49 -32.15
C ARG B 30 -1.72 5.60 -31.24
N ASN B 31 -0.56 6.10 -30.80
CA ASN B 31 0.38 5.34 -29.99
C ASN B 31 0.68 6.03 -28.66
N ARG B 32 -0.23 6.87 -28.16
CA ARG B 32 0.04 7.72 -27.01
C ARG B 32 -0.44 7.02 -25.73
N ILE B 33 0.25 5.93 -25.40
CA ILE B 33 -0.06 5.15 -24.21
C ILE B 33 1.26 4.74 -23.55
N ALA B 34 1.34 4.92 -22.23
CA ALA B 34 2.50 4.53 -21.45
C ALA B 34 2.07 3.62 -20.31
N TRP B 35 2.83 2.54 -20.11
CA TRP B 35 2.54 1.55 -19.07
C TRP B 35 3.52 1.71 -17.92
N TYR B 36 3.01 1.56 -16.70
CA TYR B 36 3.81 1.67 -15.48
C TYR B 36 3.55 0.48 -14.58
N GLN B 37 4.57 0.09 -13.83
CA GLN B 37 4.47 -0.93 -12.80
C GLN B 37 4.66 -0.29 -11.44
N GLN B 38 3.79 -0.64 -10.49
CA GLN B 38 3.89 -0.13 -9.13
C GLN B 38 3.63 -1.26 -8.15
N LYS B 39 4.64 -1.59 -7.36
CA LYS B 39 4.53 -2.55 -6.27
C LYS B 39 4.16 -1.83 -4.98
N PRO B 40 3.52 -2.52 -4.04
CA PRO B 40 3.08 -1.86 -2.81
C PRO B 40 4.26 -1.30 -2.02
N GLY B 41 4.14 -0.03 -1.64
CA GLY B 41 5.18 0.64 -0.89
C GLY B 41 6.31 1.20 -1.74
N GLN B 42 6.27 1.02 -3.06
CA GLN B 42 7.33 1.47 -3.94
C GLN B 42 6.78 2.48 -4.94
N SER B 43 7.69 3.22 -5.56
CA SER B 43 7.34 4.19 -6.57
C SER B 43 7.03 3.50 -7.89
N PRO B 44 6.25 4.15 -8.77
CA PRO B 44 5.97 3.55 -10.08
C PRO B 44 7.23 3.50 -10.94
N ARG B 45 7.39 2.40 -11.67
CA ARG B 45 8.50 2.22 -12.59
C ARG B 45 7.96 2.16 -14.02
N LEU B 46 8.57 2.95 -14.90
CA LEU B 46 8.12 3.00 -16.29
C LEU B 46 8.49 1.72 -17.01
N LEU B 47 7.50 1.13 -17.69
CA LEU B 47 7.70 -0.08 -18.48
C LEU B 47 7.69 0.20 -19.98
N ILE B 48 6.61 0.78 -20.49
CA ILE B 48 6.43 1.03 -21.90
C ILE B 48 6.00 2.48 -22.08
N TYR B 49 6.54 3.13 -23.12
CA TYR B 49 6.05 4.42 -23.57
C TYR B 49 5.86 4.36 -25.08
N ASP B 50 5.00 5.23 -25.59
CA ASP B 50 4.61 5.24 -27.00
C ASP B 50 4.11 3.86 -27.43
N ALA B 51 3.23 3.29 -26.61
CA ALA B 51 2.49 2.06 -26.89
C ALA B 51 3.35 0.81 -26.93
N SER B 52 4.51 0.86 -27.60
CA SER B 52 5.28 -0.35 -27.84
C SER B 52 6.77 -0.24 -27.58
N ILE B 53 7.27 0.88 -27.07
CA ILE B 53 8.70 1.07 -26.86
C ILE B 53 9.06 0.67 -25.43
N ARG B 54 9.98 -0.27 -25.29
CA ARG B 54 10.43 -0.67 -23.97
C ARG B 54 11.34 0.40 -23.38
N ALA B 55 11.16 0.66 -22.08
CA ALA B 55 12.08 1.54 -21.37
C ALA B 55 13.42 0.82 -21.17
N PRO B 56 14.51 1.57 -21.02
CA PRO B 56 15.81 0.94 -20.81
C PRO B 56 15.81 0.07 -19.55
N GLY B 57 16.28 -1.17 -19.70
CA GLY B 57 16.32 -2.11 -18.62
C GLY B 57 15.14 -3.05 -18.53
N ILE B 58 14.07 -2.79 -19.27
CA ILE B 58 12.88 -3.64 -19.24
C ILE B 58 13.16 -4.88 -20.08
N PRO B 59 12.93 -6.09 -19.54
CA PRO B 59 13.27 -7.30 -20.29
C PRO B 59 12.36 -7.52 -21.48
N ASP B 60 12.76 -8.46 -22.35
CA ASP B 60 11.98 -8.78 -23.53
C ASP B 60 10.69 -9.51 -23.20
N ARG B 61 10.56 -10.04 -21.98
CA ARG B 61 9.33 -10.73 -21.61
C ARG B 61 8.13 -9.79 -21.66
N LEU B 62 8.31 -8.55 -21.25
CA LEU B 62 7.26 -7.55 -21.30
C LEU B 62 7.33 -6.78 -22.61
N SER B 63 6.16 -6.58 -23.22
CA SER B 63 6.08 -5.85 -24.49
C SER B 63 4.67 -5.30 -24.64
N GLY B 64 4.58 -4.02 -25.00
CA GLY B 64 3.31 -3.37 -25.26
C GLY B 64 3.01 -3.32 -26.76
N SER B 65 1.73 -3.25 -27.08
CA SER B 65 1.30 -3.20 -28.47
C SER B 65 -0.07 -2.56 -28.54
N GLY B 66 -0.50 -2.26 -29.76
CA GLY B 66 -1.80 -1.66 -29.98
C GLY B 66 -1.74 -0.28 -30.59
N SER B 67 -2.72 0.06 -31.41
CA SER B 67 -2.81 1.38 -32.01
C SER B 67 -4.27 1.77 -32.14
N GLY B 68 -4.55 3.05 -31.96
CA GLY B 68 -5.91 3.55 -32.07
C GLY B 68 -6.61 3.70 -30.73
N THR B 69 -7.46 2.74 -30.38
CA THR B 69 -8.25 2.81 -29.16
C THR B 69 -7.94 1.73 -28.14
N GLU B 70 -7.66 0.51 -28.58
CA GLU B 70 -7.40 -0.60 -27.68
C GLU B 70 -5.90 -0.90 -27.65
N PHE B 71 -5.36 -1.04 -26.44
CA PHE B 71 -3.94 -1.27 -26.23
C PHE B 71 -3.76 -2.43 -25.26
N THR B 72 -2.64 -3.14 -25.41
CA THR B 72 -2.40 -4.35 -24.62
C THR B 72 -0.97 -4.36 -24.10
N LEU B 73 -0.81 -4.76 -22.84
CA LEU B 73 0.49 -5.03 -22.24
C LEU B 73 0.58 -6.52 -21.97
N THR B 74 1.60 -7.17 -22.53
CA THR B 74 1.77 -8.61 -22.41
C THR B 74 2.98 -8.92 -21.54
N ILE B 75 2.81 -9.86 -20.62
CA ILE B 75 3.89 -10.32 -19.74
C ILE B 75 4.04 -11.81 -20.00
N ASN B 76 5.05 -12.18 -20.77
CA ASN B 76 5.31 -13.58 -21.09
C ASN B 76 6.18 -14.21 -20.01
N SER B 77 5.89 -15.46 -19.67
CA SER B 77 6.59 -16.21 -18.63
C SER B 77 6.59 -15.43 -17.31
N LEU B 78 5.40 -15.35 -16.73
CA LEU B 78 5.19 -14.51 -15.55
C LEU B 78 6.02 -15.03 -14.38
N GLU B 79 6.70 -14.10 -13.71
CA GLU B 79 7.63 -14.30 -12.61
C GLU B 79 7.06 -13.73 -11.32
N PRO B 80 7.41 -14.31 -10.16
CA PRO B 80 6.97 -13.73 -8.87
C PRO B 80 7.32 -12.25 -8.72
N SER B 81 8.31 -11.78 -9.48
CA SER B 81 8.64 -10.36 -9.49
C SER B 81 7.68 -9.53 -10.33
N ASP B 82 6.71 -10.16 -10.98
CA ASP B 82 5.73 -9.44 -11.80
C ASP B 82 4.44 -9.14 -11.06
N VAL B 83 4.27 -9.66 -9.84
CA VAL B 83 3.09 -9.37 -9.04
C VAL B 83 3.16 -7.89 -8.63
N ALA B 84 2.26 -7.08 -9.17
CA ALA B 84 2.20 -5.65 -8.89
C ALA B 84 0.89 -5.11 -9.47
N VAL B 85 0.73 -3.79 -9.43
CA VAL B 85 -0.37 -3.10 -10.08
C VAL B 85 0.20 -2.38 -11.29
N TYR B 86 -0.46 -2.51 -12.43
CA TYR B 86 0.00 -1.93 -13.69
C TYR B 86 -0.96 -0.86 -14.15
N PHE B 87 -0.42 0.31 -14.49
CA PHE B 87 -1.21 1.45 -14.94
C PHE B 87 -0.84 1.81 -16.37
N CYS B 88 -1.84 2.13 -17.18
CA CYS B 88 -1.62 2.73 -18.49
C CYS B 88 -1.98 4.21 -18.43
N GLN B 89 -1.22 5.03 -19.14
CA GLN B 89 -1.36 6.48 -19.08
C GLN B 89 -1.50 7.04 -20.48
N LEU B 90 -2.49 7.91 -20.67
CA LEU B 90 -2.64 8.63 -21.93
C LEU B 90 -1.60 9.73 -22.01
N GLU B 91 -0.81 9.72 -23.08
CA GLU B 91 0.27 10.69 -23.27
C GLU B 91 -0.33 11.95 -23.88
N ALA B 92 -0.85 12.83 -23.02
CA ALA B 92 -1.45 14.08 -23.45
C ALA B 92 -1.04 15.18 -22.48
N ASN B 93 -1.27 16.43 -22.88
CA ASN B 93 -0.99 17.55 -21.99
C ASN B 93 -1.87 17.49 -20.74
N TRP B 94 -3.13 17.08 -20.90
CA TRP B 94 -4.00 16.76 -19.78
C TRP B 94 -3.89 15.26 -19.54
N LEU B 95 -2.91 14.87 -18.74
CA LEU B 95 -2.63 13.46 -18.51
C LEU B 95 -3.77 12.80 -17.75
N THR B 96 -3.91 11.49 -17.94
CA THR B 96 -4.88 10.70 -17.20
C THR B 96 -4.44 9.25 -17.21
N PHE B 97 -4.49 8.60 -16.06
CA PHE B 97 -4.12 7.20 -15.91
C PHE B 97 -5.37 6.33 -15.95
N GLY B 98 -5.15 5.03 -16.11
CA GLY B 98 -6.20 4.06 -15.94
C GLY B 98 -6.39 3.69 -14.48
N GLY B 99 -7.47 2.95 -14.21
CA GLY B 99 -7.73 2.50 -12.86
C GLY B 99 -6.69 1.56 -12.29
N GLY B 100 -5.95 0.88 -13.16
CA GLY B 100 -4.93 -0.05 -12.71
C GLY B 100 -5.42 -1.49 -12.73
N THR B 101 -4.48 -2.40 -12.95
CA THR B 101 -4.76 -3.83 -12.98
C THR B 101 -3.81 -4.54 -12.04
N LYS B 102 -4.37 -5.26 -11.06
CA LYS B 102 -3.59 -6.06 -10.13
C LYS B 102 -3.33 -7.43 -10.75
N VAL B 103 -2.08 -7.88 -10.68
CA VAL B 103 -1.68 -9.17 -11.23
C VAL B 103 -1.11 -10.02 -10.11
N GLU B 104 -1.61 -11.25 -9.99
CA GLU B 104 -1.09 -12.21 -9.03
C GLU B 104 -0.83 -13.53 -9.75
N ILE B 105 0.05 -14.34 -9.16
CA ILE B 105 0.38 -15.64 -9.72
C ILE B 105 -0.61 -16.67 -9.18
N LYS B 106 -0.80 -17.74 -9.94
CA LYS B 106 -1.65 -18.84 -9.50
C LYS B 106 -0.81 -19.88 -8.75
N ARG B 107 -1.37 -20.37 -7.65
CA ARG B 107 -0.66 -21.29 -6.77
C ARG B 107 -1.59 -22.43 -6.40
N ALA B 108 -1.00 -23.50 -5.87
CA ALA B 108 -1.81 -24.58 -5.31
C ALA B 108 -2.60 -24.09 -4.12
N VAL B 109 -3.76 -24.70 -3.90
CA VAL B 109 -4.61 -24.32 -2.77
C VAL B 109 -3.87 -24.61 -1.48
N ALA B 110 -3.70 -23.59 -0.64
CA ALA B 110 -2.98 -23.70 0.62
C ALA B 110 -3.92 -23.37 1.76
N ALA B 111 -4.08 -24.30 2.69
CA ALA B 111 -4.90 -24.06 3.86
C ALA B 111 -4.21 -23.07 4.79
N PRO B 112 -4.98 -22.26 5.51
CA PRO B 112 -4.38 -21.28 6.42
C PRO B 112 -4.18 -21.83 7.84
N SER B 113 -3.10 -21.37 8.45
CA SER B 113 -2.84 -21.66 9.86
C SER B 113 -3.50 -20.56 10.70
N VAL B 114 -4.42 -20.96 11.57
CA VAL B 114 -5.23 -20.03 12.35
C VAL B 114 -4.65 -19.92 13.75
N PHE B 115 -4.25 -18.70 14.12
CA PHE B 115 -3.79 -18.40 15.47
C PHE B 115 -4.69 -17.34 16.08
N ILE B 116 -4.85 -17.39 17.39
CA ILE B 116 -5.63 -16.41 18.14
C ILE B 116 -4.81 -15.94 19.33
N PHE B 117 -4.84 -14.64 19.58
CA PHE B 117 -4.00 -14.03 20.62
C PHE B 117 -4.86 -13.37 21.68
N PRO B 118 -4.84 -13.87 22.91
CA PRO B 118 -5.56 -13.18 23.98
C PRO B 118 -4.94 -11.82 24.24
N PRO B 119 -5.73 -10.87 24.72
CA PRO B 119 -5.18 -9.52 24.98
C PRO B 119 -4.23 -9.53 26.16
N SER B 120 -3.18 -8.72 26.06
CA SER B 120 -2.21 -8.62 27.14
C SER B 120 -2.84 -7.97 28.37
N GLU B 121 -2.14 -8.08 29.50
CA GLU B 121 -2.69 -7.59 30.76
C GLU B 121 -2.67 -6.07 30.85
N ASP B 122 -1.72 -5.41 30.19
CA ASP B 122 -1.70 -3.96 30.18
C ASP B 122 -2.78 -3.36 29.28
N GLN B 123 -3.47 -4.18 28.48
CA GLN B 123 -4.58 -3.66 27.68
C GLN B 123 -5.80 -3.38 28.54
N VAL B 124 -6.09 -4.26 29.52
CA VAL B 124 -7.29 -4.11 30.32
C VAL B 124 -7.22 -2.84 31.17
N LYS B 125 -6.00 -2.40 31.53
CA LYS B 125 -5.87 -1.16 32.28
C LYS B 125 -6.27 0.05 31.45
N SER B 126 -6.16 -0.05 30.12
CA SER B 126 -6.49 1.06 29.24
C SER B 126 -7.99 1.23 29.03
N GLY B 127 -8.80 0.24 29.39
CA GLY B 127 -10.23 0.30 29.17
C GLY B 127 -10.70 -0.30 27.87
N THR B 128 -9.79 -0.59 26.94
CA THR B 128 -10.12 -1.23 25.68
C THR B 128 -9.18 -2.40 25.45
N VAL B 129 -9.75 -3.56 25.13
CA VAL B 129 -8.97 -4.75 24.80
C VAL B 129 -9.20 -5.11 23.34
N SER B 130 -8.17 -5.66 22.71
CA SER B 130 -8.22 -6.05 21.31
C SER B 130 -7.67 -7.46 21.18
N VAL B 131 -8.51 -8.38 20.72
CA VAL B 131 -8.12 -9.76 20.46
C VAL B 131 -7.90 -9.92 18.96
N VAL B 132 -6.78 -10.55 18.59
CA VAL B 132 -6.35 -10.64 17.21
C VAL B 132 -6.37 -12.11 16.78
N CYS B 133 -6.93 -12.36 15.60
CA CYS B 133 -6.91 -13.68 14.99
C CYS B 133 -6.09 -13.62 13.72
N LEU B 134 -5.15 -14.56 13.56
CA LEU B 134 -4.21 -14.56 12.45
C LEU B 134 -4.49 -15.70 11.51
N LEU B 135 -4.57 -15.40 10.21
CA LEU B 135 -4.67 -16.40 9.15
C LEU B 135 -3.39 -16.29 8.33
N ASN B 136 -2.54 -17.31 8.41
CA ASN B 136 -1.17 -17.24 7.89
C ASN B 136 -1.02 -18.15 6.69
N ASN B 137 -0.57 -17.57 5.56
CA ASN B 137 -0.14 -18.31 4.38
C ASN B 137 -1.25 -19.19 3.79
N PHE B 138 -2.16 -18.58 3.04
CA PHE B 138 -3.18 -19.29 2.28
C PHE B 138 -3.24 -18.67 0.89
N TYR B 139 -3.39 -19.50 -0.14
CA TYR B 139 -3.36 -18.94 -1.49
C TYR B 139 -4.72 -18.40 -1.93
N PRO B 140 -5.83 -19.18 -1.82
CA PRO B 140 -7.14 -18.59 -2.17
C PRO B 140 -7.37 -17.28 -1.44
N ARG B 141 -7.43 -16.19 -2.21
CA ARG B 141 -7.23 -14.86 -1.66
C ARG B 141 -8.22 -14.53 -0.54
N GLU B 142 -9.48 -14.91 -0.70
CA GLU B 142 -10.51 -14.55 0.25
C GLU B 142 -10.84 -15.72 1.18
N ALA B 143 -11.09 -15.40 2.45
CA ALA B 143 -11.53 -16.35 3.45
C ALA B 143 -12.67 -15.71 4.24
N SER B 144 -13.21 -16.46 5.19
CA SER B 144 -14.32 -16.00 6.03
C SER B 144 -13.92 -16.15 7.49
N VAL B 145 -13.77 -15.02 8.18
CA VAL B 145 -13.43 -15.00 9.60
C VAL B 145 -14.69 -14.66 10.39
N LYS B 146 -14.93 -15.39 11.47
CA LYS B 146 -16.09 -15.17 12.32
C LYS B 146 -15.66 -15.13 13.78
N TRP B 147 -16.12 -14.10 14.48
CA TRP B 147 -15.89 -13.96 15.92
C TRP B 147 -17.13 -14.39 16.68
N LYS B 148 -16.94 -15.22 17.70
CA LYS B 148 -18.03 -15.68 18.56
C LYS B 148 -17.63 -15.50 20.01
N VAL B 149 -18.42 -14.72 20.75
CA VAL B 149 -18.19 -14.47 22.16
C VAL B 149 -19.32 -15.16 22.92
N ASP B 150 -18.97 -16.24 23.63
CA ASP B 150 -19.96 -17.07 24.33
C ASP B 150 -21.05 -17.55 23.37
N GLY B 151 -20.64 -17.93 22.17
CA GLY B 151 -21.56 -18.40 21.15
C GLY B 151 -22.25 -17.32 20.36
N VAL B 152 -22.14 -16.06 20.76
CA VAL B 152 -22.83 -14.96 20.10
C VAL B 152 -21.93 -14.42 18.99
N LEU B 153 -22.46 -14.37 17.77
CA LEU B 153 -21.71 -13.86 16.63
C LEU B 153 -21.46 -12.36 16.79
N LYS B 154 -20.22 -11.95 16.54
CA LYS B 154 -19.80 -10.56 16.75
C LYS B 154 -18.83 -10.13 15.66
N THR B 155 -19.19 -10.42 14.40
CA THR B 155 -18.27 -10.15 13.30
C THR B 155 -18.23 -8.67 12.93
N GLY B 156 -19.37 -7.99 12.99
CA GLY B 156 -19.43 -6.58 12.64
C GLY B 156 -18.70 -5.64 13.59
N ASN B 157 -18.10 -6.17 14.65
CA ASN B 157 -17.31 -5.38 15.59
C ASN B 157 -15.82 -5.53 15.37
N SER B 158 -15.40 -6.10 14.24
CA SER B 158 -14.01 -6.37 13.96
C SER B 158 -13.60 -5.74 12.63
N GLN B 159 -12.30 -5.68 12.41
CA GLN B 159 -11.72 -5.15 11.18
C GLN B 159 -10.63 -6.09 10.70
N GLU B 160 -10.52 -6.25 9.39
CA GLU B 160 -9.59 -7.20 8.79
C GLU B 160 -8.56 -6.46 7.93
N SER B 161 -7.47 -7.16 7.65
CA SER B 161 -6.39 -6.61 6.83
C SER B 161 -5.64 -7.77 6.19
N VAL B 162 -5.29 -7.60 4.92
CA VAL B 162 -4.63 -8.64 4.13
C VAL B 162 -3.33 -8.07 3.58
N THR B 163 -2.25 -8.84 3.69
CA THR B 163 -0.97 -8.43 3.15
C THR B 163 -0.89 -8.76 1.66
N GLU B 164 0.15 -8.26 1.01
CA GLU B 164 0.37 -8.55 -0.39
C GLU B 164 0.76 -10.01 -0.58
N GLN B 165 0.76 -10.45 -1.84
CA GLN B 165 1.17 -11.81 -2.16
C GLN B 165 2.66 -11.97 -1.89
N ASP B 166 3.02 -12.94 -1.06
CA ASP B 166 4.40 -13.16 -0.67
C ASP B 166 5.26 -13.44 -1.89
N SER B 167 6.47 -12.86 -1.90
CA SER B 167 7.37 -13.04 -3.03
C SER B 167 8.07 -14.39 -3.03
N LYS B 168 8.03 -15.12 -1.91
CA LYS B 168 8.74 -16.38 -1.77
C LYS B 168 7.85 -17.59 -1.98
N ASP B 169 6.68 -17.64 -1.33
CA ASP B 169 5.76 -18.76 -1.45
C ASP B 169 4.43 -18.40 -2.09
N ASN B 170 4.17 -17.12 -2.36
CA ASN B 170 3.01 -16.68 -3.14
C ASN B 170 1.68 -16.98 -2.45
N THR B 171 1.62 -16.68 -1.15
CA THR B 171 0.40 -16.83 -0.38
C THR B 171 -0.02 -15.49 0.19
N TYR B 172 -1.18 -15.48 0.86
CA TYR B 172 -1.71 -14.29 1.51
C TYR B 172 -1.88 -14.57 3.00
N SER B 173 -1.80 -13.51 3.80
CA SER B 173 -2.05 -13.58 5.23
C SER B 173 -3.12 -12.58 5.61
N LEU B 174 -3.97 -12.95 6.56
CA LEU B 174 -5.06 -12.10 7.02
C LEU B 174 -5.00 -11.98 8.53
N SER B 175 -5.34 -10.80 9.04
CA SER B 175 -5.36 -10.54 10.47
C SER B 175 -6.63 -9.77 10.82
N SER B 176 -7.44 -10.36 11.70
CA SER B 176 -8.67 -9.74 12.16
C SER B 176 -8.54 -9.32 13.61
N THR B 177 -9.03 -8.13 13.94
CA THR B 177 -8.95 -7.58 15.28
C THR B 177 -10.35 -7.27 15.79
N LEU B 178 -10.76 -7.94 16.86
CA LEU B 178 -12.02 -7.67 17.53
C LEU B 178 -11.76 -6.75 18.71
N THR B 179 -12.31 -5.55 18.66
CA THR B 179 -12.09 -4.52 19.66
C THR B 179 -13.31 -4.40 20.56
N LEU B 180 -13.12 -4.63 21.85
CA LEU B 180 -14.19 -4.50 22.84
C LEU B 180 -13.69 -3.65 24.00
N SER B 181 -14.64 -3.21 24.82
CA SER B 181 -14.29 -2.50 26.04
C SER B 181 -13.92 -3.49 27.14
N ASN B 182 -13.16 -3.01 28.13
CA ASN B 182 -12.77 -3.86 29.23
C ASN B 182 -13.97 -4.29 30.06
N THR B 183 -14.92 -3.38 30.29
CA THR B 183 -16.11 -3.72 31.06
C THR B 183 -16.98 -4.75 30.35
N ASP B 184 -16.87 -4.86 29.02
CA ASP B 184 -17.55 -5.91 28.28
C ASP B 184 -16.71 -7.16 28.15
N TYR B 185 -15.39 -7.02 28.12
CA TYR B 185 -14.51 -8.18 28.00
C TYR B 185 -14.54 -9.03 29.26
N GLN B 186 -14.57 -8.40 30.43
CA GLN B 186 -14.60 -9.13 31.69
C GLN B 186 -15.94 -9.79 31.98
N SER B 187 -16.98 -9.45 31.22
CA SER B 187 -18.32 -10.00 31.44
C SER B 187 -18.61 -11.20 30.56
N HIS B 188 -17.61 -11.72 29.84
CA HIS B 188 -17.78 -12.89 29.01
C HIS B 188 -16.58 -13.81 29.17
N ASN B 189 -16.74 -15.06 28.74
CA ASN B 189 -15.75 -16.11 29.00
C ASN B 189 -15.03 -16.55 27.73
N VAL B 190 -15.73 -17.23 26.82
CA VAL B 190 -15.08 -17.86 25.67
C VAL B 190 -15.05 -16.89 24.50
N TYR B 191 -13.89 -16.78 23.86
CA TYR B 191 -13.70 -15.93 22.69
C TYR B 191 -13.13 -16.80 21.57
N ALA B 192 -13.92 -17.04 20.54
CA ALA B 192 -13.56 -17.97 19.47
C ALA B 192 -13.41 -17.25 18.14
N CYS B 193 -12.52 -17.78 17.31
CA CYS B 193 -12.29 -17.29 15.95
C CYS B 193 -12.53 -18.44 14.98
N GLU B 194 -13.56 -18.30 14.15
CA GLU B 194 -13.94 -19.34 13.19
C GLU B 194 -13.54 -18.93 11.79
N VAL B 195 -12.82 -19.80 11.10
CA VAL B 195 -12.25 -19.51 9.79
C VAL B 195 -12.81 -20.50 8.77
N THR B 196 -13.29 -19.98 7.65
CA THR B 196 -13.73 -20.78 6.51
C THR B 196 -12.82 -20.49 5.33
N HIS B 197 -12.35 -21.56 4.68
CA HIS B 197 -11.42 -21.40 3.56
C HIS B 197 -11.54 -22.60 2.64
N GLN B 198 -11.13 -22.40 1.39
CA GLN B 198 -11.20 -23.47 0.39
C GLN B 198 -10.34 -24.66 0.79
N GLY B 199 -9.16 -24.40 1.35
CA GLY B 199 -8.27 -25.46 1.80
C GLY B 199 -8.72 -26.18 3.04
N LEU B 200 -9.87 -25.81 3.61
CA LEU B 200 -10.40 -26.44 4.81
C LEU B 200 -11.67 -27.20 4.47
N SER B 201 -11.72 -28.48 4.88
CA SER B 201 -12.92 -29.27 4.66
C SER B 201 -14.06 -28.80 5.55
N SER B 202 -13.75 -28.28 6.73
CA SER B 202 -14.71 -27.79 7.69
C SER B 202 -14.13 -26.55 8.36
N PRO B 203 -14.97 -25.68 8.90
CA PRO B 203 -14.45 -24.46 9.53
C PRO B 203 -13.56 -24.76 10.72
N VAL B 204 -12.46 -24.01 10.82
CA VAL B 204 -11.49 -24.16 11.91
C VAL B 204 -11.77 -23.10 12.96
N THR B 205 -11.84 -23.51 14.22
CA THR B 205 -12.16 -22.62 15.33
C THR B 205 -11.03 -22.63 16.35
N LYS B 206 -10.52 -21.46 16.67
CA LYS B 206 -9.52 -21.27 17.73
C LYS B 206 -10.12 -20.35 18.79
N SER B 207 -10.03 -20.76 20.05
CA SER B 207 -10.67 -20.04 21.14
C SER B 207 -9.77 -20.04 22.37
N PHE B 208 -10.20 -19.28 23.38
CA PHE B 208 -9.51 -19.20 24.65
C PHE B 208 -10.50 -18.70 25.71
N ASN B 209 -10.15 -18.91 26.97
CA ASN B 209 -10.98 -18.51 28.10
C ASN B 209 -10.46 -17.21 28.69
N ARG B 210 -10.97 -16.87 29.88
CA ARG B 210 -10.59 -15.65 30.59
C ARG B 210 -10.86 -14.40 29.74
#